data_2GJE
#
_entry.id   2GJE
#
_cell.length_a   157.600
_cell.length_b   157.600
_cell.length_c   81.300
_cell.angle_alpha   90.00
_cell.angle_beta   90.00
_cell.angle_gamma   120.00
#
_symmetry.space_group_name_H-M   'P 61 2 2'
#
loop_
_entity.id
_entity.type
_entity.pdbx_description
1 polymer 'guide RNA 40-mer'
2 polymer 'RNA tetramer'
3 polymer 'mitochondrial RNA-binding protein 2'
4 polymer 'mitochondrial RNA-binding protein 1'
5 water water
#
loop_
_entity_poly.entity_id
_entity_poly.type
_entity_poly.pdbx_seq_one_letter_code
_entity_poly.pdbx_strand_id
1 'polyribonucleotide' AAAUACGAUGUAAAUAACCUGUAGUAUAGUUAGUGUAUA R
2 'polyribonucleotide' UAGUG S
3 'polypeptide(L)'
;EAASSSDADGKEVGSSGEGNRATGGKWRRPSLAQQRARRAQLPPAFDVVHWNDEDISRGHLLRVLHRDTFVVLDYHRQAR
(MSE)LTEEGNKAERVVSV(MSE)LPAVYTARFLAVLEGRSEKVEVHSRYTNATFTPNPAAPYTFTLKCTSTRPAQQKQQ
VAGEEGDETFEWTVEFDVAESL(MSE)LQRFLTQALHYNTGFARTSV
;
A
4 'polypeptide(L)'
;ASTFSGVQSLPKFEIHDVRDDPAEGT(MSE)TRVAVDGKLLLISQYPQLGPRKVDPNDLSPQFDADRRISVRLRHVDLAY
LVGVCKERVPRHR(MSE)ETKAYTLDFEKSAQGYHLHGKVHRVASQR(MSE)EDWSVKFDNHFAVTLEHFLESALDESFG
FRQHYATRAAEGGEKIAATSSAEGGARRKRSVSDTSRYH
;
D
#
loop_
_chem_comp.id
_chem_comp.type
_chem_comp.name
_chem_comp.formula
A RNA linking ADENOSINE-5'-MONOPHOSPHATE 'C10 H14 N5 O7 P'
C RNA linking CYTIDINE-5'-MONOPHOSPHATE 'C9 H14 N3 O8 P'
G RNA linking GUANOSINE-5'-MONOPHOSPHATE 'C10 H14 N5 O8 P'
U RNA linking URIDINE-5'-MONOPHOSPHATE 'C9 H13 N2 O9 P'
#
# COMPACT_ATOMS: atom_id res chain seq x y z
N ARG C 36 2.35 -13.43 -11.39
CA ARG C 36 2.09 -12.07 -11.89
C ARG C 36 1.63 -12.07 -13.35
N ALA C 37 1.57 -13.26 -13.95
CA ALA C 37 1.13 -13.41 -15.33
C ALA C 37 -0.33 -12.96 -15.38
N ARG C 38 -1.05 -13.22 -14.28
CA ARG C 38 -2.47 -12.89 -14.17
C ARG C 38 -2.75 -11.43 -13.76
N ARG C 39 -2.00 -10.90 -12.80
CA ARG C 39 -2.23 -9.51 -12.35
C ARG C 39 -1.94 -8.48 -13.43
N ALA C 40 -1.37 -8.97 -14.53
CA ALA C 40 -1.06 -8.14 -15.67
C ALA C 40 -2.37 -7.94 -16.42
N GLN C 41 -2.85 -9.01 -17.04
CA GLN C 41 -4.06 -8.92 -17.79
C GLN C 41 -5.37 -8.59 -17.09
N LEU C 42 -5.24 -8.31 -15.80
CA LEU C 42 -6.37 -7.96 -14.99
C LEU C 42 -6.65 -6.50 -14.63
N PRO C 43 -7.89 -6.16 -14.16
CA PRO C 43 -8.36 -4.83 -13.74
C PRO C 43 -7.47 -4.16 -12.71
N PRO C 44 -6.82 -3.05 -13.11
CA PRO C 44 -5.98 -2.43 -12.08
C PRO C 44 -6.94 -2.22 -10.94
N ALA C 45 -6.54 -2.55 -9.73
CA ALA C 45 -7.50 -2.38 -8.68
C ALA C 45 -6.78 -2.38 -7.38
N PHE C 46 -7.49 -1.98 -6.34
CA PHE C 46 -6.90 -1.91 -5.04
C PHE C 46 -7.99 -2.10 -4.02
N ASP C 47 -7.81 -3.09 -3.15
CA ASP C 47 -8.77 -3.44 -2.11
C ASP C 47 -8.54 -2.73 -0.78
N VAL C 48 -9.58 -2.12 -0.24
CA VAL C 48 -9.51 -1.46 1.09
C VAL C 48 -10.04 -2.55 1.99
N VAL C 49 -9.20 -3.09 2.87
CA VAL C 49 -9.64 -4.19 3.73
C VAL C 49 -9.90 -3.89 5.18
N HIS C 50 -11.03 -4.42 5.64
CA HIS C 50 -11.48 -4.26 7.01
C HIS C 50 -12.09 -5.51 7.64
N TRP C 51 -11.31 -6.58 7.76
CA TRP C 51 -11.82 -7.80 8.36
C TRP C 51 -12.00 -7.66 9.88
N ASN C 52 -12.83 -8.52 10.45
CA ASN C 52 -13.06 -8.53 11.88
C ASN C 52 -13.45 -9.96 12.31
N ASP C 53 -12.47 -10.84 12.54
CA ASP C 53 -12.79 -12.23 12.95
C ASP C 53 -13.37 -12.25 14.35
N GLU C 54 -13.16 -11.14 15.04
CA GLU C 54 -13.64 -10.93 16.39
C GLU C 54 -15.15 -10.82 16.37
N ASP C 55 -15.67 -9.97 15.50
CA ASP C 55 -17.09 -9.81 15.43
C ASP C 55 -17.34 -9.65 13.98
N ILE C 56 -17.68 -10.75 13.33
CA ILE C 56 -17.95 -10.77 11.91
C ILE C 56 -19.11 -9.83 11.50
N SER C 57 -19.55 -8.97 12.42
CA SER C 57 -20.63 -8.04 12.11
C SER C 57 -20.06 -6.72 11.60
N ARG C 58 -18.79 -6.76 11.20
CA ARG C 58 -18.12 -5.57 10.68
C ARG C 58 -17.07 -6.03 9.68
N GLY C 59 -17.31 -7.19 9.06
CA GLY C 59 -16.37 -7.76 8.11
C GLY C 59 -16.68 -7.50 6.64
N HIS C 60 -15.92 -6.60 6.04
CA HIS C 60 -16.10 -6.25 4.63
C HIS C 60 -14.81 -6.01 3.86
N LEU C 61 -14.86 -6.21 2.55
CA LEU C 61 -13.72 -5.99 1.67
C LEU C 61 -14.15 -5.35 0.37
N LEU C 62 -13.74 -4.10 0.16
CA LEU C 62 -14.06 -3.33 -1.05
C LEU C 62 -12.94 -3.44 -2.09
N ARG C 63 -13.26 -3.81 -3.32
CA ARG C 63 -12.24 -3.88 -4.37
C ARG C 63 -12.57 -2.64 -5.17
N VAL C 64 -11.60 -1.78 -5.36
CA VAL C 64 -11.84 -0.58 -6.13
C VAL C 64 -11.04 -0.87 -7.36
N LEU C 65 -11.79 -1.05 -8.43
CA LEU C 65 -11.21 -1.37 -9.69
C LEU C 65 -11.70 -0.45 -10.79
N HIS C 66 -10.96 -0.44 -11.88
CA HIS C 66 -11.28 0.40 -13.01
C HIS C 66 -11.29 -0.51 -14.21
N ARG C 67 -12.49 -0.75 -14.75
CA ARG C 67 -12.67 -1.62 -15.89
C ARG C 67 -13.29 -0.84 -17.03
N ASP C 68 -12.51 -0.62 -18.09
CA ASP C 68 -12.96 0.14 -19.25
C ASP C 68 -13.71 1.40 -18.85
N THR C 69 -12.95 2.44 -18.56
CA THR C 69 -13.52 3.72 -18.16
C THR C 69 -14.51 3.54 -17.04
N PHE C 70 -14.40 2.43 -16.31
CA PHE C 70 -15.32 2.23 -15.22
C PHE C 70 -14.67 2.06 -13.87
N VAL C 71 -14.89 3.03 -12.99
CA VAL C 71 -14.38 2.92 -11.64
C VAL C 71 -15.47 2.08 -11.05
N VAL C 72 -15.16 0.81 -10.75
CA VAL C 72 -16.13 -0.18 -10.21
C VAL C 72 -15.90 -0.54 -8.75
N LEU C 73 -16.94 -0.44 -7.93
CA LEU C 73 -16.77 -0.81 -6.52
C LEU C 73 -17.43 -2.14 -6.24
N ASP C 74 -16.73 -2.99 -5.52
CA ASP C 74 -17.30 -4.26 -5.18
C ASP C 74 -17.21 -4.33 -3.69
N TYR C 75 -18.34 -4.18 -3.00
CA TYR C 75 -18.34 -4.28 -1.55
C TYR C 75 -18.56 -5.74 -1.27
N HIS C 76 -17.53 -6.36 -0.73
CA HIS C 76 -17.57 -7.77 -0.36
C HIS C 76 -17.87 -7.86 1.13
N ARG C 77 -18.45 -8.98 1.54
CA ARG C 77 -18.79 -9.19 2.94
C ARG C 77 -18.05 -10.43 3.43
N GLN C 78 -17.78 -10.48 4.72
CA GLN C 78 -17.07 -11.63 5.26
C GLN C 78 -18.07 -12.69 5.69
N ALA C 79 -17.99 -13.85 5.07
CA ALA C 79 -18.91 -14.87 5.45
C ALA C 79 -18.27 -15.96 6.31
N ARG C 80 -16.93 -15.98 6.40
CA ARG C 80 -16.14 -16.97 7.18
C ARG C 80 -14.90 -16.34 7.78
N MSE C 81 -14.31 -16.96 8.80
CA MSE C 81 -13.11 -16.40 9.44
C MSE C 81 -11.70 -16.66 8.84
O MSE C 81 -11.48 -17.61 8.09
CB MSE C 81 -13.12 -16.83 10.88
CG MSE C 81 -14.42 -16.48 11.53
SE MSE C 81 -14.60 -17.47 13.12
CE MSE C 81 -15.70 -18.91 12.42
N LEU C 82 -10.75 -15.79 9.18
CA LEU C 82 -9.36 -15.86 8.71
C LEU C 82 -8.65 -17.13 9.09
N THR C 83 -8.98 -17.61 10.28
CA THR C 83 -8.37 -18.79 10.85
C THR C 83 -8.73 -20.10 10.14
N GLU C 84 -9.86 -20.17 9.45
CA GLU C 84 -10.20 -21.41 8.75
C GLU C 84 -9.82 -21.40 7.26
N GLU C 85 -9.99 -22.51 6.54
CA GLU C 85 -9.60 -22.51 5.12
C GLU C 85 -10.79 -22.13 4.25
N GLY C 86 -10.52 -21.75 3.00
CA GLY C 86 -11.61 -21.39 2.12
C GLY C 86 -11.50 -20.00 1.53
N ASN C 87 -12.58 -19.55 0.90
CA ASN C 87 -12.65 -18.22 0.28
C ASN C 87 -13.13 -17.23 1.36
N LYS C 88 -12.19 -16.55 2.01
CA LYS C 88 -12.50 -15.61 3.08
C LYS C 88 -13.64 -14.64 2.77
N ALA C 89 -13.54 -13.97 1.64
CA ALA C 89 -14.53 -12.99 1.23
C ALA C 89 -15.64 -13.52 0.34
N GLU C 90 -16.76 -12.79 0.33
CA GLU C 90 -17.93 -13.15 -0.47
C GLU C 90 -18.56 -11.87 -1.04
N ARG C 91 -18.53 -11.73 -2.37
CA ARG C 91 -19.07 -10.54 -3.06
C ARG C 91 -20.57 -10.25 -2.86
N VAL C 92 -20.89 -9.05 -2.35
CA VAL C 92 -22.28 -8.61 -2.07
C VAL C 92 -23.06 -7.66 -2.98
N VAL C 93 -22.50 -6.51 -3.31
CA VAL C 93 -23.19 -5.60 -4.19
C VAL C 93 -22.09 -4.95 -4.97
N SER C 94 -22.31 -4.83 -6.26
CA SER C 94 -21.31 -4.27 -7.15
C SER C 94 -21.81 -2.98 -7.75
N VAL C 95 -21.22 -1.87 -7.31
CA VAL C 95 -21.58 -0.54 -7.79
C VAL C 95 -20.70 -0.12 -8.96
N MSE C 96 -21.29 0.01 -10.14
CA MSE C 96 -20.51 0.42 -11.29
C MSE C 96 -20.56 1.93 -11.41
O MSE C 96 -21.63 2.52 -11.50
CB MSE C 96 -21.04 -0.23 -12.57
CG MSE C 96 -20.79 -1.73 -12.61
SE MSE C 96 -20.61 -2.31 -14.44
CE MSE C 96 -18.77 -2.95 -14.44
N LEU C 97 -19.40 2.56 -11.37
CA LEU C 97 -19.32 4.00 -11.47
C LEU C 97 -18.90 4.42 -12.85
N PRO C 98 -19.58 5.43 -13.39
CA PRO C 98 -19.32 5.99 -14.71
C PRO C 98 -18.15 6.96 -14.70
N ALA C 99 -17.38 6.92 -15.78
CA ALA C 99 -16.21 7.77 -15.95
C ALA C 99 -16.27 9.17 -15.33
N VAL C 100 -17.35 9.89 -15.59
CA VAL C 100 -17.48 11.25 -15.08
C VAL C 100 -17.22 11.42 -13.60
N TYR C 101 -17.42 10.37 -12.83
CA TYR C 101 -17.25 10.53 -11.40
C TYR C 101 -15.88 10.82 -10.79
N THR C 102 -14.84 10.29 -11.43
CA THR C 102 -13.48 10.45 -10.95
C THR C 102 -13.13 11.87 -10.50
N ALA C 103 -13.31 12.83 -11.40
CA ALA C 103 -13.01 14.20 -11.07
C ALA C 103 -13.83 14.67 -9.87
N ARG C 104 -15.08 14.21 -9.76
CA ARG C 104 -15.95 14.62 -8.65
C ARG C 104 -15.48 14.00 -7.35
N PHE C 105 -15.25 12.70 -7.37
CA PHE C 105 -14.75 12.02 -6.17
C PHE C 105 -13.45 12.72 -5.76
N LEU C 106 -12.53 12.88 -6.71
CA LEU C 106 -11.27 13.54 -6.46
C LEU C 106 -11.44 14.96 -5.94
N ALA C 107 -12.46 15.64 -6.44
CA ALA C 107 -12.72 17.00 -6.02
C ALA C 107 -12.97 17.01 -4.52
N VAL C 108 -13.30 15.84 -3.98
CA VAL C 108 -13.54 15.74 -2.55
C VAL C 108 -12.27 15.28 -1.84
N LEU C 109 -11.73 14.17 -2.29
CA LEU C 109 -10.51 13.65 -1.71
C LEU C 109 -9.50 14.80 -1.60
N GLU C 110 -9.61 15.77 -2.50
CA GLU C 110 -8.68 16.89 -2.51
C GLU C 110 -9.13 18.12 -1.72
N GLY C 111 -10.17 17.95 -0.90
CA GLY C 111 -10.65 19.06 -0.09
C GLY C 111 -11.43 20.19 -0.76
N ARG C 112 -11.89 19.98 -1.99
CA ARG C 112 -12.61 21.03 -2.73
C ARG C 112 -14.15 20.99 -2.68
N SER C 113 -14.71 19.78 -2.70
CA SER C 113 -16.15 19.61 -2.65
C SER C 113 -16.35 19.12 -1.23
N GLU C 114 -17.57 19.22 -0.72
CA GLU C 114 -17.80 18.72 0.61
C GLU C 114 -18.55 17.39 0.53
N LYS C 115 -18.81 16.91 -0.68
CA LYS C 115 -19.50 15.62 -0.81
C LYS C 115 -19.90 15.25 -2.23
N VAL C 116 -20.01 13.97 -2.48
CA VAL C 116 -20.40 13.58 -3.80
C VAL C 116 -21.53 12.60 -3.67
N GLU C 117 -22.44 12.61 -4.63
CA GLU C 117 -23.56 11.71 -4.56
C GLU C 117 -23.61 10.78 -5.76
N VAL C 118 -24.00 9.53 -5.52
CA VAL C 118 -24.13 8.53 -6.57
C VAL C 118 -25.59 8.10 -6.58
N HIS C 119 -26.03 7.53 -7.69
CA HIS C 119 -27.42 7.12 -7.81
C HIS C 119 -27.66 6.26 -8.98
N SER C 120 -28.41 5.19 -8.72
CA SER C 120 -28.81 4.20 -9.72
C SER C 120 -30.05 3.48 -9.18
N ARG C 121 -30.79 2.81 -10.06
CA ARG C 121 -31.96 2.14 -9.52
C ARG C 121 -31.49 1.19 -8.41
N TYR C 122 -30.20 0.87 -8.33
CA TYR C 122 -29.76 -0.01 -7.25
C TYR C 122 -28.96 0.54 -6.09
N THR C 123 -28.56 1.79 -6.15
CA THR C 123 -27.83 2.30 -5.03
C THR C 123 -28.09 3.78 -4.85
N ASN C 124 -27.72 4.24 -3.68
CA ASN C 124 -27.86 5.62 -3.29
C ASN C 124 -26.73 5.60 -2.27
N ALA C 125 -25.58 6.15 -2.65
CA ALA C 125 -24.41 6.17 -1.78
C ALA C 125 -23.86 7.57 -1.69
N THR C 126 -22.95 7.76 -0.75
CA THR C 126 -22.31 9.05 -0.52
C THR C 126 -20.89 8.92 0.03
N PHE C 127 -20.04 9.82 -0.43
CA PHE C 127 -18.63 9.91 -0.05
C PHE C 127 -18.38 11.36 0.34
N THR C 128 -17.97 11.60 1.59
CA THR C 128 -17.74 12.95 2.07
C THR C 128 -16.61 13.04 3.12
N PRO C 129 -16.09 14.25 3.39
CA PRO C 129 -15.03 14.30 4.39
C PRO C 129 -15.54 13.89 5.75
N ASN C 130 -14.84 12.97 6.40
CA ASN C 130 -15.27 12.51 7.72
C ASN C 130 -14.81 13.58 8.71
N PRO C 131 -15.76 14.31 9.32
CA PRO C 131 -15.47 15.38 10.28
C PRO C 131 -14.49 15.03 11.39
N ALA C 132 -14.53 13.77 11.84
CA ALA C 132 -13.65 13.31 12.90
C ALA C 132 -12.22 13.75 12.68
N ALA C 133 -11.43 12.92 11.98
CA ALA C 133 -10.03 13.23 11.71
C ALA C 133 -9.86 13.76 10.28
N PRO C 134 -8.90 14.68 10.08
CA PRO C 134 -8.70 15.21 8.74
C PRO C 134 -8.02 14.16 7.84
N TYR C 135 -8.26 14.28 6.53
CA TYR C 135 -7.69 13.38 5.54
C TYR C 135 -8.35 12.01 5.51
N THR C 136 -9.47 11.86 6.18
CA THR C 136 -10.17 10.58 6.17
C THR C 136 -11.52 10.78 5.51
N PHE C 137 -12.08 9.71 4.97
CA PHE C 137 -13.37 9.82 4.30
C PHE C 137 -14.27 8.62 4.55
N THR C 138 -15.56 8.84 4.34
CA THR C 138 -16.58 7.83 4.57
C THR C 138 -17.44 7.58 3.35
N LEU C 139 -17.65 6.31 3.03
CA LEU C 139 -18.50 5.97 1.90
C LEU C 139 -19.68 5.21 2.46
N LYS C 140 -20.87 5.76 2.28
CA LYS C 140 -22.07 5.12 2.79
C LYS C 140 -23.01 4.81 1.63
N CYS C 141 -23.11 3.55 1.25
CA CYS C 141 -23.99 3.18 0.16
C CYS C 141 -25.18 2.36 0.63
N THR C 142 -26.38 2.78 0.25
CA THR C 142 -27.61 2.10 0.60
C THR C 142 -28.19 1.41 -0.64
N SER C 143 -27.78 0.18 -0.88
CA SER C 143 -28.22 -0.57 -2.06
C SER C 143 -29.45 -1.45 -1.84
N THR C 144 -30.17 -1.74 -2.92
CA THR C 144 -31.35 -2.60 -2.84
C THR C 144 -30.91 -3.96 -3.39
N ARG C 145 -31.88 -4.81 -3.76
CA ARG C 145 -31.57 -6.13 -4.31
C ARG C 145 -32.83 -6.93 -4.66
N PRO C 146 -33.01 -7.26 -5.97
CA PRO C 146 -34.16 -8.02 -6.46
C PRO C 146 -33.98 -9.54 -6.27
N ASP C 159 -38.53 -5.31 -1.85
CA ASP C 159 -37.37 -4.46 -2.07
C ASP C 159 -36.63 -4.19 -0.78
N GLU C 160 -35.56 -4.95 -0.57
CA GLU C 160 -34.75 -4.79 0.63
C GLU C 160 -33.59 -3.85 0.41
N THR C 161 -33.45 -2.94 1.35
CA THR C 161 -32.37 -1.99 1.31
C THR C 161 -31.23 -2.66 2.07
N PHE C 162 -30.14 -2.85 1.32
CA PHE C 162 -28.93 -3.41 1.87
C PHE C 162 -28.15 -2.17 1.96
N GLU C 163 -27.68 -1.88 3.12
CA GLU C 163 -26.91 -0.72 3.09
C GLU C 163 -25.67 -1.20 3.70
N TRP C 164 -24.71 -0.32 3.62
CA TRP C 164 -23.43 -0.60 4.17
C TRP C 164 -22.70 0.71 4.33
N THR C 165 -21.50 0.58 4.84
CA THR C 165 -20.66 1.72 5.10
C THR C 165 -19.21 1.29 5.24
N VAL C 166 -18.35 1.97 4.47
CA VAL C 166 -16.90 1.72 4.50
C VAL C 166 -16.12 3.04 4.73
N GLU C 167 -15.34 3.04 5.83
CA GLU C 167 -14.54 4.17 6.23
C GLU C 167 -13.18 4.08 5.58
N PHE C 168 -12.63 5.27 5.34
CA PHE C 168 -11.36 5.42 4.69
C PHE C 168 -10.38 6.20 5.55
N ASP C 169 -9.43 5.48 6.15
CA ASP C 169 -8.40 6.09 6.97
C ASP C 169 -7.47 6.94 6.13
N VAL C 170 -6.85 7.92 6.76
CA VAL C 170 -5.96 8.84 6.07
C VAL C 170 -5.08 8.19 5.00
N ALA C 171 -4.84 6.90 5.13
CA ALA C 171 -4.00 6.18 4.16
C ALA C 171 -4.82 5.54 3.06
N GLU C 172 -5.96 4.98 3.43
CA GLU C 172 -6.86 4.35 2.46
C GLU C 172 -7.44 5.45 1.55
N SER C 173 -7.49 6.66 2.08
CA SER C 173 -7.99 7.77 1.31
C SER C 173 -6.92 8.13 0.29
N LEU C 174 -5.68 8.14 0.76
CA LEU C 174 -4.55 8.49 -0.08
C LEU C 174 -4.37 7.38 -1.09
N MSE C 175 -4.83 6.20 -0.69
CA MSE C 175 -4.72 5.04 -1.52
C MSE C 175 -5.52 5.29 -2.76
O MSE C 175 -5.00 5.23 -3.87
CB MSE C 175 -5.29 3.84 -0.78
CG MSE C 175 -4.30 3.06 0.03
SE MSE C 175 -4.40 1.29 -0.67
CE MSE C 175 -3.04 1.39 -2.01
N LEU C 176 -6.79 5.56 -2.55
CA LEU C 176 -7.75 5.82 -3.62
C LEU C 176 -7.31 7.05 -4.37
N GLN C 177 -7.05 8.11 -3.61
CA GLN C 177 -6.64 9.37 -4.17
C GLN C 177 -5.69 9.16 -5.35
N ARG C 178 -4.71 8.28 -5.19
CA ARG C 178 -3.78 8.02 -6.27
C ARG C 178 -4.41 7.12 -7.34
N PHE C 179 -5.09 6.07 -6.91
CA PHE C 179 -5.72 5.15 -7.85
C PHE C 179 -6.52 5.92 -8.90
N LEU C 180 -7.27 6.91 -8.43
CA LEU C 180 -8.10 7.71 -9.33
C LEU C 180 -7.27 8.61 -10.22
N THR C 181 -6.31 9.32 -9.63
CA THR C 181 -5.51 10.19 -10.45
C THR C 181 -4.90 9.40 -11.60
N GLN C 182 -4.50 8.16 -11.33
CA GLN C 182 -3.92 7.32 -12.37
C GLN C 182 -4.90 7.07 -13.50
N ALA C 183 -6.09 6.55 -13.16
CA ALA C 183 -7.11 6.29 -14.17
C ALA C 183 -7.32 7.52 -15.05
N LEU C 184 -7.86 8.57 -14.44
CA LEU C 184 -8.10 9.82 -15.12
C LEU C 184 -6.90 10.08 -16.01
N HIS C 185 -5.70 9.79 -15.49
CA HIS C 185 -4.48 10.00 -16.27
C HIS C 185 -4.50 9.21 -17.57
N TYR C 186 -4.77 7.92 -17.46
CA TYR C 186 -4.80 7.06 -18.63
C TYR C 186 -6.07 7.30 -19.45
N ASN C 187 -7.18 7.59 -18.78
CA ASN C 187 -8.44 7.86 -19.47
C ASN C 187 -8.27 9.01 -20.44
N THR C 188 -7.68 10.11 -19.98
CA THR C 188 -7.43 11.24 -20.83
C THR C 188 -6.48 10.79 -21.92
N GLY C 189 -6.03 9.55 -21.80
CA GLY C 189 -5.12 8.95 -22.76
C GLY C 189 -3.77 9.63 -22.82
N PHE C 190 -2.97 9.49 -21.78
CA PHE C 190 -1.66 10.12 -21.79
C PHE C 190 -0.64 9.02 -22.03
N ALA C 191 -1.07 7.80 -21.76
CA ALA C 191 -0.23 6.63 -21.90
C ALA C 191 0.07 6.25 -23.32
N ARG C 192 -0.69 6.79 -24.27
CA ARG C 192 -0.44 6.46 -25.66
C ARG C 192 1.02 6.72 -26.06
N GLN D 8 14.74 -8.23 -8.12
CA GLN D 8 15.33 -9.37 -8.90
C GLN D 8 15.68 -8.87 -10.31
N SER D 9 14.79 -8.00 -10.79
CA SER D 9 14.80 -7.33 -12.08
C SER D 9 13.51 -6.59 -11.76
N LEU D 10 13.56 -5.97 -10.59
CA LEU D 10 12.47 -5.22 -10.01
C LEU D 10 12.87 -3.79 -9.76
N PRO D 11 11.89 -2.97 -9.43
CA PRO D 11 12.25 -1.59 -9.18
C PRO D 11 12.88 -1.63 -7.80
N LYS D 12 14.04 -1.02 -7.63
CA LYS D 12 14.64 -1.05 -6.32
C LYS D 12 15.81 -0.13 -6.27
N PHE D 13 16.30 0.12 -5.07
CA PHE D 13 17.49 0.92 -4.89
C PHE D 13 18.16 0.37 -3.64
N GLU D 14 19.47 0.17 -3.72
CA GLU D 14 20.21 -0.35 -2.59
C GLU D 14 21.15 0.72 -2.09
N ILE D 15 21.49 0.64 -0.81
CA ILE D 15 22.42 1.56 -0.21
C ILE D 15 23.53 0.65 0.23
N HIS D 16 24.68 0.74 -0.41
CA HIS D 16 25.79 -0.12 -0.02
C HIS D 16 26.74 0.65 0.85
N ASP D 17 26.66 0.34 2.14
CA ASP D 17 27.49 0.98 3.14
C ASP D 17 28.45 -0.08 3.57
N VAL D 18 29.69 0.03 3.09
CA VAL D 18 30.71 -0.92 3.46
C VAL D 18 31.78 -0.22 4.26
N ARG D 19 32.09 -0.77 5.42
CA ARG D 19 33.09 -0.18 6.30
C ARG D 19 34.35 -0.99 6.32
N ASP D 20 35.33 -0.49 7.07
CA ASP D 20 36.61 -1.16 7.22
C ASP D 20 36.46 -2.14 8.37
N ASP D 21 35.45 -1.91 9.19
CA ASP D 21 35.12 -2.75 10.34
C ASP D 21 34.00 -3.64 9.78
N PRO D 22 34.31 -4.86 9.34
CA PRO D 22 33.18 -5.64 8.81
C PRO D 22 31.89 -5.72 9.63
N ALA D 23 31.99 -5.56 10.95
CA ALA D 23 30.81 -5.65 11.79
C ALA D 23 29.80 -4.50 11.63
N GLU D 24 30.25 -3.40 11.04
CA GLU D 24 29.36 -2.24 10.90
C GLU D 24 28.87 -1.87 9.51
N GLY D 25 29.21 -2.68 8.52
CA GLY D 25 28.78 -2.37 7.16
C GLY D 25 27.52 -3.12 6.84
N THR D 26 26.72 -2.57 5.93
CA THR D 26 25.48 -3.24 5.54
C THR D 26 25.06 -2.88 4.15
N MSE D 27 24.14 -3.69 3.63
CA MSE D 27 23.59 -3.44 2.30
C MSE D 27 22.08 -3.47 2.46
O MSE D 27 21.48 -4.54 2.61
CB MSE D 27 24.04 -4.53 1.32
CG MSE D 27 23.66 -4.27 -0.11
SE MSE D 27 21.86 -4.69 -0.54
CE MSE D 27 22.14 -6.40 -1.44
N THR D 28 21.46 -2.30 2.46
CA THR D 28 20.02 -2.20 2.62
C THR D 28 19.43 -2.09 1.27
N ARG D 29 18.43 -2.93 1.00
CA ARG D 29 17.80 -2.92 -0.30
C ARG D 29 16.33 -2.71 -0.12
N VAL D 30 15.79 -1.78 -0.90
CA VAL D 30 14.38 -1.42 -0.88
C VAL D 30 13.89 -1.63 -2.32
N ALA D 31 13.02 -2.60 -2.52
CA ALA D 31 12.50 -2.87 -3.85
C ALA D 31 11.03 -3.15 -3.64
N VAL D 32 10.28 -3.22 -4.73
CA VAL D 32 8.86 -3.46 -4.61
C VAL D 32 8.31 -4.21 -5.80
N ASP D 33 7.52 -5.24 -5.48
CA ASP D 33 6.88 -6.12 -6.44
C ASP D 33 5.40 -5.84 -6.40
N GLY D 34 4.89 -5.15 -7.41
CA GLY D 34 3.48 -4.83 -7.47
C GLY D 34 3.03 -4.00 -6.29
N LYS D 35 2.12 -4.52 -5.47
CA LYS D 35 1.68 -3.75 -4.31
C LYS D 35 2.53 -4.09 -3.07
N LEU D 36 3.60 -4.85 -3.23
CA LEU D 36 4.41 -5.23 -2.08
C LEU D 36 5.82 -4.74 -2.02
N LEU D 37 6.12 -4.01 -0.96
CA LEU D 37 7.44 -3.47 -0.70
C LEU D 37 8.18 -4.52 0.06
N LEU D 38 9.44 -4.69 -0.30
CA LEU D 38 10.32 -5.63 0.35
C LEU D 38 11.51 -4.83 0.84
N ILE D 39 11.63 -4.67 2.15
CA ILE D 39 12.73 -3.94 2.75
C ILE D 39 13.63 -5.06 3.26
N SER D 40 14.92 -4.94 3.01
CA SER D 40 15.83 -5.98 3.39
C SER D 40 17.20 -5.42 3.66
N GLN D 41 17.96 -6.17 4.46
CA GLN D 41 19.31 -5.79 4.80
C GLN D 41 20.16 -6.99 5.15
N TYR D 42 21.31 -7.09 4.52
CA TYR D 42 22.20 -8.18 4.82
C TYR D 42 23.36 -7.49 5.49
N PRO D 43 24.02 -8.18 6.42
CA PRO D 43 25.16 -7.61 7.13
C PRO D 43 26.35 -7.64 6.17
N GLN D 44 27.54 -7.36 6.69
CA GLN D 44 28.73 -7.41 5.86
C GLN D 44 29.45 -8.69 6.20
N LEU D 45 29.81 -9.45 5.17
CA LEU D 45 30.50 -10.71 5.37
C LEU D 45 32.01 -10.49 5.37
N GLY D 46 32.61 -10.45 6.55
CA GLY D 46 34.04 -10.24 6.62
C GLY D 46 34.49 -8.97 5.91
N PRO D 47 35.81 -8.81 5.66
CA PRO D 47 36.49 -7.69 5.01
C PRO D 47 35.94 -7.13 3.70
N ARG D 48 36.46 -5.97 3.34
CA ARG D 48 36.08 -5.26 2.15
C ARG D 48 36.78 -5.85 0.95
N LYS D 49 36.03 -6.31 -0.05
CA LYS D 49 36.68 -6.86 -1.25
C LYS D 49 37.56 -5.77 -1.87
N VAL D 50 38.54 -6.15 -2.70
CA VAL D 50 39.38 -5.14 -3.32
C VAL D 50 39.81 -5.53 -4.72
N ASP D 51 39.26 -6.63 -5.21
CA ASP D 51 39.55 -7.10 -6.55
C ASP D 51 38.28 -7.10 -7.37
N PRO D 52 38.11 -6.08 -8.23
CA PRO D 52 36.91 -6.01 -9.06
C PRO D 52 36.57 -7.34 -9.72
N ASN D 53 37.52 -8.27 -9.75
CA ASN D 53 37.30 -9.58 -10.35
C ASN D 53 36.73 -10.55 -9.33
N ASP D 54 36.94 -10.23 -8.05
CA ASP D 54 36.45 -11.09 -6.98
C ASP D 54 34.94 -11.10 -6.88
N LEU D 55 34.33 -12.13 -7.46
CA LEU D 55 32.88 -12.28 -7.47
C LEU D 55 32.30 -13.03 -6.28
N SER D 56 33.00 -12.99 -5.15
CA SER D 56 32.52 -13.68 -3.95
C SER D 56 31.47 -12.81 -3.24
N PRO D 57 30.79 -13.37 -2.22
CA PRO D 57 29.78 -12.56 -1.54
C PRO D 57 30.42 -11.53 -0.59
N GLN D 58 30.03 -10.26 -0.75
CA GLN D 58 30.51 -9.14 0.08
C GLN D 58 29.60 -8.90 1.30
N PHE D 59 28.34 -9.35 1.19
CA PHE D 59 27.34 -9.22 2.26
C PHE D 59 26.76 -10.59 2.56
N ASP D 60 26.40 -10.82 3.81
CA ASP D 60 25.88 -12.11 4.27
C ASP D 60 24.40 -12.44 4.12
N ALA D 61 24.08 -13.18 3.09
CA ALA D 61 22.71 -13.57 2.88
C ALA D 61 22.11 -14.55 3.92
N ASP D 62 22.72 -14.70 5.10
CA ASP D 62 22.13 -15.62 6.07
C ASP D 62 21.73 -14.92 7.34
N ARG D 63 22.36 -13.79 7.60
CA ARG D 63 22.01 -13.00 8.76
C ARG D 63 21.14 -11.81 8.25
N ARG D 64 20.66 -11.96 7.01
CA ARG D 64 19.85 -10.95 6.32
C ARG D 64 18.51 -10.66 6.96
N ILE D 65 18.10 -9.40 6.93
CA ILE D 65 16.84 -8.97 7.50
C ILE D 65 15.87 -8.75 6.34
N SER D 66 14.77 -9.50 6.33
CA SER D 66 13.80 -9.32 5.27
C SER D 66 12.43 -9.03 5.87
N VAL D 67 11.71 -8.11 5.25
CA VAL D 67 10.39 -7.72 5.72
C VAL D 67 9.52 -7.35 4.54
N ARG D 68 8.47 -8.13 4.35
CA ARG D 68 7.52 -7.91 3.27
C ARG D 68 6.36 -7.11 3.86
N LEU D 69 6.09 -5.93 3.32
CA LEU D 69 5.00 -5.07 3.81
C LEU D 69 3.72 -5.18 2.99
N ARG D 70 2.60 -4.79 3.57
CA ARG D 70 1.33 -4.86 2.85
C ARG D 70 1.14 -3.69 1.90
N HIS D 71 0.14 -3.79 1.03
CA HIS D 71 -0.16 -2.72 0.07
C HIS D 71 -0.66 -1.47 0.81
N VAL D 72 -1.54 -1.68 1.77
CA VAL D 72 -2.08 -0.57 2.54
C VAL D 72 -0.97 0.14 3.34
N ASP D 73 0.14 -0.56 3.55
CA ASP D 73 1.27 -0.01 4.29
C ASP D 73 1.98 0.99 3.41
N LEU D 74 2.33 0.55 2.22
CA LEU D 74 3.04 1.40 1.29
C LEU D 74 2.36 2.74 1.28
N ALA D 75 1.06 2.74 1.51
CA ALA D 75 0.29 3.97 1.50
C ALA D 75 0.59 4.82 2.72
N TYR D 76 0.51 4.17 3.87
CA TYR D 76 0.75 4.83 5.12
C TYR D 76 2.13 5.47 5.11
N LEU D 77 3.10 4.78 4.52
CA LEU D 77 4.47 5.31 4.49
C LEU D 77 4.56 6.65 3.77
N VAL D 78 3.79 6.78 2.70
CA VAL D 78 3.79 8.04 1.96
C VAL D 78 3.18 9.07 2.88
N GLY D 79 2.06 8.71 3.50
CA GLY D 79 1.41 9.60 4.45
C GLY D 79 2.53 10.34 5.16
N VAL D 80 3.26 9.63 6.01
CA VAL D 80 4.36 10.20 6.75
C VAL D 80 5.20 11.18 5.93
N CYS D 81 5.58 10.78 4.73
CA CYS D 81 6.38 11.66 3.88
C CYS D 81 5.61 12.93 3.60
N LYS D 82 4.28 12.83 3.60
CA LYS D 82 3.45 13.99 3.31
C LYS D 82 2.87 14.69 4.55
N GLU D 83 3.21 14.18 5.72
CA GLU D 83 2.75 14.71 6.99
C GLU D 83 1.27 14.45 7.18
N ARG D 84 0.75 13.49 6.43
CA ARG D 84 -0.65 13.09 6.53
C ARG D 84 -0.82 12.19 7.76
N VAL D 85 0.30 11.72 8.28
CA VAL D 85 0.30 10.87 9.46
C VAL D 85 1.64 11.11 10.15
N PRO D 86 1.61 11.49 11.44
CA PRO D 86 2.87 11.73 12.13
C PRO D 86 3.81 10.53 12.16
N ARG D 87 3.29 9.34 12.47
CA ARG D 87 4.14 8.14 12.50
C ARG D 87 3.33 6.88 12.30
N HIS D 88 3.76 6.02 11.39
CA HIS D 88 3.05 4.77 11.13
C HIS D 88 3.70 3.60 11.84
N ARG D 89 2.88 2.81 12.53
CA ARG D 89 3.36 1.64 13.27
C ARG D 89 2.66 0.37 12.84
N MSE D 90 3.38 -0.50 12.14
CA MSE D 90 2.80 -1.74 11.69
C MSE D 90 3.28 -2.87 12.61
O MSE D 90 4.35 -2.77 13.22
CB MSE D 90 3.21 -2.00 10.23
CG MSE D 90 4.68 -1.78 9.95
SE MSE D 90 5.06 -0.91 8.23
CE MSE D 90 6.79 -0.14 8.69
N GLU D 91 2.47 -3.91 12.74
CA GLU D 91 2.81 -5.06 13.58
C GLU D 91 2.34 -6.34 12.93
N THR D 92 3.22 -7.33 12.87
CA THR D 92 2.92 -8.63 12.30
C THR D 92 3.59 -9.73 13.11
N LYS D 93 3.67 -10.93 12.54
CA LYS D 93 4.30 -12.03 13.25
C LYS D 93 5.80 -11.92 13.28
N ALA D 94 6.40 -11.49 12.18
CA ALA D 94 7.85 -11.42 12.15
C ALA D 94 8.53 -10.10 12.51
N TYR D 95 7.77 -9.06 12.85
CA TYR D 95 8.43 -7.81 13.22
C TYR D 95 7.48 -6.81 13.80
N THR D 96 8.05 -5.76 14.36
CA THR D 96 7.25 -4.70 14.94
C THR D 96 8.01 -3.45 14.63
N LEU D 97 7.60 -2.72 13.59
CA LEU D 97 8.28 -1.50 13.18
C LEU D 97 7.49 -0.19 13.18
N ASP D 98 8.22 0.90 13.06
CA ASP D 98 7.66 2.25 12.99
C ASP D 98 8.42 2.99 11.91
N PHE D 99 7.76 3.96 11.30
CA PHE D 99 8.39 4.75 10.25
C PHE D 99 7.99 6.19 10.50
N GLU D 100 8.92 6.99 10.99
CA GLU D 100 8.63 8.39 11.26
C GLU D 100 9.52 9.37 10.50
N LYS D 101 9.01 10.58 10.35
CA LYS D 101 9.68 11.68 9.65
C LYS D 101 10.71 12.27 10.56
N SER D 102 11.86 12.64 10.04
CA SER D 102 12.91 13.24 10.85
C SER D 102 13.43 14.53 10.18
N ALA D 103 13.91 15.51 10.95
CA ALA D 103 14.39 16.77 10.34
C ALA D 103 15.52 16.55 9.34
N GLN D 104 16.11 15.36 9.39
CA GLN D 104 17.21 15.03 8.49
C GLN D 104 16.85 13.89 7.55
N GLY D 105 15.64 13.34 7.71
CA GLY D 105 15.23 12.26 6.84
C GLY D 105 14.15 11.34 7.39
N TYR D 106 14.35 10.04 7.23
CA TYR D 106 13.39 9.06 7.72
C TYR D 106 14.05 8.09 8.69
N HIS D 107 13.22 7.43 9.49
CA HIS D 107 13.69 6.47 10.47
C HIS D 107 12.75 5.30 10.46
N LEU D 108 13.29 4.12 10.17
CA LEU D 108 12.49 2.91 10.16
C LEU D 108 13.14 2.08 11.24
N HIS D 109 12.37 1.71 12.27
CA HIS D 109 12.96 0.91 13.32
C HIS D 109 11.99 0.06 14.10
N GLY D 110 12.54 -0.79 14.92
CA GLY D 110 11.70 -1.66 15.72
C GLY D 110 12.50 -2.89 16.05
N LYS D 111 11.82 -4.01 16.16
CA LYS D 111 12.48 -5.26 16.44
C LYS D 111 12.05 -6.05 15.22
N VAL D 112 13.04 -6.50 14.47
CA VAL D 112 12.83 -7.30 13.27
C VAL D 112 13.55 -8.57 13.57
N HIS D 113 13.60 -9.46 12.59
CA HIS D 113 14.26 -10.72 12.81
C HIS D 113 14.80 -11.39 11.54
N ARG D 114 16.06 -11.82 11.62
CA ARG D 114 16.81 -12.45 10.53
C ARG D 114 16.32 -13.83 10.11
N VAL D 115 16.66 -14.24 8.88
CA VAL D 115 16.25 -15.55 8.35
C VAL D 115 16.88 -16.65 9.15
N ALA D 116 16.12 -17.72 9.38
CA ALA D 116 16.62 -18.84 10.17
C ALA D 116 16.91 -18.34 11.60
N SER D 117 15.93 -17.63 12.16
CA SER D 117 16.02 -17.10 13.51
C SER D 117 14.63 -16.99 14.11
N GLN D 118 14.61 -16.75 15.41
CA GLN D 118 13.38 -16.59 16.18
C GLN D 118 13.82 -15.76 17.37
N ARG D 119 14.95 -15.07 17.18
CA ARG D 119 15.53 -14.24 18.22
C ARG D 119 15.31 -12.78 17.81
N MSE D 120 14.16 -12.25 18.21
CA MSE D 120 13.76 -10.89 17.92
C MSE D 120 14.84 -9.90 18.32
O MSE D 120 15.04 -9.70 19.52
CB MSE D 120 12.51 -10.56 18.71
CG MSE D 120 11.31 -11.37 18.28
SE MSE D 120 10.87 -10.97 16.45
CE MSE D 120 9.81 -9.39 16.77
N GLU D 121 15.52 -9.28 17.36
CA GLU D 121 16.57 -8.34 17.75
C GLU D 121 16.23 -6.88 17.50
N ASP D 122 16.70 -6.01 18.39
CA ASP D 122 16.47 -4.57 18.30
C ASP D 122 17.06 -4.05 16.99
N TRP D 123 16.23 -3.40 16.17
CA TRP D 123 16.70 -2.92 14.87
C TRP D 123 16.28 -1.48 14.50
N SER D 124 17.13 -0.85 13.69
CA SER D 124 16.87 0.51 13.31
C SER D 124 17.74 0.97 12.16
N VAL D 125 17.11 1.29 11.02
CA VAL D 125 17.81 1.76 9.82
C VAL D 125 17.34 3.17 9.52
N LYS D 126 18.23 4.00 8.98
CA LYS D 126 17.86 5.39 8.74
C LYS D 126 18.11 5.88 7.33
N PHE D 127 17.29 6.82 6.89
CA PHE D 127 17.42 7.43 5.58
C PHE D 127 17.53 8.95 5.79
N ASP D 128 18.71 9.51 5.55
CA ASP D 128 18.93 10.95 5.76
C ASP D 128 19.33 11.69 4.51
N ASN D 129 19.39 13.01 4.62
CA ASN D 129 19.79 13.87 3.53
C ASN D 129 19.44 13.31 2.16
N HIS D 130 20.39 13.37 1.25
CA HIS D 130 20.13 12.91 -0.12
C HIS D 130 19.57 11.49 -0.24
N PHE D 131 19.46 10.79 0.88
CA PHE D 131 18.91 9.46 0.81
C PHE D 131 17.45 9.51 1.14
N ALA D 132 17.06 10.49 1.95
CA ALA D 132 15.66 10.63 2.30
C ALA D 132 14.94 10.97 0.99
N VAL D 133 15.56 11.86 0.22
CA VAL D 133 15.03 12.24 -1.08
C VAL D 133 14.83 10.95 -1.83
N THR D 134 15.92 10.32 -2.24
CA THR D 134 15.82 9.07 -2.98
C THR D 134 14.64 8.21 -2.50
N LEU D 135 14.54 7.95 -1.21
CA LEU D 135 13.46 7.13 -0.64
C LEU D 135 12.07 7.70 -0.86
N GLU D 136 11.93 9.01 -0.83
CA GLU D 136 10.61 9.62 -1.04
C GLU D 136 10.14 9.33 -2.47
N HIS D 137 11.02 9.55 -3.42
CA HIS D 137 10.68 9.30 -4.79
C HIS D 137 10.32 7.82 -5.05
N PHE D 138 11.04 6.90 -4.40
CA PHE D 138 10.78 5.49 -4.62
C PHE D 138 9.42 5.09 -4.10
N LEU D 139 9.03 5.70 -2.98
CA LEU D 139 7.77 5.39 -2.36
C LEU D 139 6.60 6.02 -3.09
N GLU D 140 6.71 7.31 -3.40
CA GLU D 140 5.61 7.96 -4.10
C GLU D 140 5.39 7.27 -5.45
N SER D 141 6.43 6.59 -5.93
CA SER D 141 6.39 5.89 -7.21
C SER D 141 5.85 4.50 -7.06
N ALA D 142 6.27 3.81 -6.01
CA ALA D 142 5.79 2.46 -5.83
C ALA D 142 4.26 2.49 -5.86
N LEU D 143 3.68 3.42 -5.11
CA LEU D 143 2.25 3.55 -4.97
C LEU D 143 1.48 3.74 -6.26
N ASP D 144 1.90 4.73 -7.05
CA ASP D 144 1.26 5.04 -8.31
C ASP D 144 1.31 3.91 -9.32
N GLU D 145 2.40 3.15 -9.26
CA GLU D 145 2.60 2.06 -10.17
C GLU D 145 2.14 0.79 -9.56
N SER D 146 1.74 0.85 -8.30
CA SER D 146 1.29 -0.32 -7.59
C SER D 146 -0.11 -0.77 -8.00
N PHE D 147 -0.75 -0.04 -8.92
CA PHE D 147 -2.11 -0.40 -9.34
C PHE D 147 -2.23 -1.23 -10.60
N GLY D 148 -1.12 -1.39 -11.28
CA GLY D 148 -1.12 -2.18 -12.50
C GLY D 148 -1.63 -1.46 -13.74
N PHE D 149 -1.75 -0.13 -13.72
CA PHE D 149 -2.22 0.59 -14.90
C PHE D 149 -1.22 0.50 -16.04
N ARG D 150 0.05 0.74 -15.78
CA ARG D 150 1.04 0.73 -16.86
C ARG D 150 1.11 -0.60 -17.57
N GLN D 151 1.16 -1.70 -16.82
CA GLN D 151 1.24 -3.02 -17.43
C GLN D 151 -0.07 -3.37 -18.13
N HIS D 152 -1.19 -3.03 -17.51
CA HIS D 152 -2.48 -3.33 -18.12
C HIS D 152 -2.63 -2.67 -19.46
N TYR D 153 -2.26 -1.40 -19.56
CA TYR D 153 -2.42 -0.76 -20.85
C TYR D 153 -1.35 -1.02 -21.85
N ALA D 154 -0.25 -1.61 -21.42
CA ALA D 154 0.81 -1.93 -22.34
C ALA D 154 0.38 -3.19 -23.09
#